data_3COA
#
_entry.id   3COA
#
_cell.length_a   76.062
_cell.length_b   102.432
_cell.length_c   65.446
_cell.angle_alpha   90.000
_cell.angle_beta   90.000
_cell.angle_gamma   90.000
#
_symmetry.space_group_name_H-M   'P 21 21 2'
#
loop_
_entity.id
_entity.type
_entity.pdbx_description
1 polymer "DNA (5'-D(*DTP*DGP*DGP*DTP*DTP*DTP*DGP*DTP*DTP*DTP*DTP*DGP*DCP*DTP*DTP*DG)-3')"
2 polymer "DNA (5'-D(*DCP*DAP*DAP*DGP*DCP*DAP*DAP*DAP*DAP*DCP*DAP*DAP*DAP*DCP*DCP*DA)-3')"
3 polymer 'Forkhead box protein O1'
4 non-polymer 'CALCIUM ION'
5 water water
#
loop_
_entity_poly.entity_id
_entity_poly.type
_entity_poly.pdbx_seq_one_letter_code
_entity_poly.pdbx_strand_id
1 'polydeoxyribonucleotide' (DT)(DG)(DG)(DT)(DT)(DT)(DG)(DT)(DT)(DT)(DT)(DG)(DC)(DT)(DT)(DG) A,D
2 'polydeoxyribonucleotide' (DC)(DA)(DA)(DG)(DC)(DA)(DA)(DA)(DA)(DC)(DA)(DA)(DA)(DC)(DC)(DA) B,E
3 'polypeptide(L)'
;SKSSSSRRNAWGNLSYADLITKAIESSAEKRLTLSQIYEWMVKSVPYFKDKGDSNSSAGWKNSIRHNLSLHSKFIRVQNE
GTGKSSWWMLNPEGGKSGKSPRRRAASMDNNSKFAKS
;
C,F
#
loop_
_chem_comp.id
_chem_comp.type
_chem_comp.name
_chem_comp.formula
CA non-polymer 'CALCIUM ION' 'Ca 2'
DA DNA linking 2'-DEOXYADENOSINE-5'-MONOPHOSPHATE 'C10 H14 N5 O6 P'
DC DNA linking 2'-DEOXYCYTIDINE-5'-MONOPHOSPHATE 'C9 H14 N3 O7 P'
DG DNA linking 2'-DEOXYGUANOSINE-5'-MONOPHOSPHATE 'C10 H14 N5 O7 P'
DT DNA linking THYMIDINE-5'-MONOPHOSPHATE 'C10 H15 N2 O8 P'
#
# COMPACT_ATOMS: atom_id res chain seq x y z
N ARG E 7 -1.77 -15.67 29.89
CA ARG E 7 -1.56 -15.27 28.46
C ARG E 7 -0.15 -15.63 28.00
N ARG E 8 -0.09 -16.56 27.06
CA ARG E 8 1.18 -17.06 26.50
C ARG E 8 2.15 -15.95 26.11
N ASN E 9 1.71 -14.99 25.30
CA ASN E 9 2.59 -13.90 24.88
C ASN E 9 1.97 -12.57 25.22
N ALA E 10 2.74 -11.51 24.99
CA ALA E 10 2.28 -10.16 25.27
C ALA E 10 1.11 -9.73 24.37
N TRP E 11 0.82 -10.50 23.31
CA TRP E 11 -0.29 -10.16 22.42
C TRP E 11 -1.46 -11.12 22.58
N GLY E 12 -1.32 -12.08 23.48
CA GLY E 12 -2.39 -13.04 23.69
C GLY E 12 -1.88 -14.47 23.58
N ASN E 13 -2.79 -15.43 23.41
CA ASN E 13 -2.39 -16.82 23.31
C ASN E 13 -2.11 -17.33 21.91
N LEU E 14 -2.37 -16.49 20.91
CA LEU E 14 -2.11 -16.87 19.52
C LEU E 14 -0.62 -16.78 19.20
N SER E 15 -0.14 -17.73 18.41
CA SER E 15 1.27 -17.76 17.98
C SER E 15 1.46 -16.84 16.78
N TYR E 16 2.71 -16.56 16.44
CA TYR E 16 2.96 -15.75 15.26
C TYR E 16 2.31 -16.40 14.03
N ALA E 17 2.46 -17.72 13.93
CA ALA E 17 1.88 -18.45 12.80
C ALA E 17 0.38 -18.24 12.75
N ASP E 18 -0.26 -18.30 13.91
CA ASP E 18 -1.72 -18.10 14.00
C ASP E 18 -2.12 -16.74 13.47
N LEU E 19 -1.38 -15.72 13.90
CA LEU E 19 -1.67 -14.36 13.48
C LEU E 19 -1.53 -14.23 11.95
N ILE E 20 -0.45 -14.78 11.41
CA ILE E 20 -0.23 -14.73 9.96
C ILE E 20 -1.42 -15.37 9.26
N THR E 21 -1.95 -16.43 9.85
CA THR E 21 -3.07 -17.12 9.26
C THR E 21 -4.31 -16.21 9.22
N LYS E 22 -4.56 -15.53 10.33
CA LYS E 22 -5.72 -14.65 10.39
C LYS E 22 -5.56 -13.50 9.41
N ALA E 23 -4.33 -13.02 9.25
CA ALA E 23 -4.07 -11.94 8.33
C ALA E 23 -4.43 -12.37 6.90
N ILE E 24 -3.97 -13.55 6.50
CA ILE E 24 -4.28 -14.05 5.17
C ILE E 24 -5.75 -14.41 4.98
N GLU E 25 -6.36 -15.05 5.97
CA GLU E 25 -7.77 -15.43 5.85
C GLU E 25 -8.67 -14.20 5.79
N SER E 26 -8.16 -13.05 6.26
CA SER E 26 -8.95 -11.83 6.26
C SER E 26 -8.98 -11.16 4.89
N SER E 27 -8.12 -11.59 3.99
CA SER E 27 -8.11 -10.99 2.66
C SER E 27 -9.15 -11.75 1.84
N ALA E 28 -9.90 -11.04 1.01
CA ALA E 28 -10.90 -11.69 0.17
C ALA E 28 -10.26 -12.74 -0.76
N GLU E 29 -9.06 -12.44 -1.25
CA GLU E 29 -8.37 -13.35 -2.17
C GLU E 29 -7.50 -14.40 -1.47
N LYS E 30 -7.48 -14.39 -0.15
CA LYS E 30 -6.72 -15.40 0.57
C LYS E 30 -5.23 -15.42 0.23
N ARG E 31 -4.64 -14.23 0.10
CA ARG E 31 -3.22 -14.13 -0.17
C ARG E 31 -2.79 -12.71 0.16
N LEU E 32 -1.58 -12.55 0.67
CA LEU E 32 -1.10 -11.22 1.03
C LEU E 32 0.40 -11.12 0.82
N THR E 33 0.92 -9.93 0.53
CA THR E 33 2.37 -9.77 0.41
C THR E 33 2.89 -9.62 1.85
N LEU E 34 4.20 -9.67 2.05
CA LEU E 34 4.78 -9.53 3.37
C LEU E 34 4.40 -8.18 4.00
N SER E 35 4.46 -7.13 3.19
CA SER E 35 4.14 -5.78 3.63
C SER E 35 2.70 -5.69 4.12
N GLN E 36 1.78 -6.38 3.44
CA GLN E 36 0.39 -6.36 3.84
C GLN E 36 0.19 -7.12 5.15
N ILE E 37 0.99 -8.15 5.37
CA ILE E 37 0.86 -8.90 6.61
C ILE E 37 1.33 -7.98 7.76
N TYR E 38 2.41 -7.23 7.56
CA TYR E 38 2.87 -6.28 8.58
C TYR E 38 1.73 -5.31 8.87
N GLU E 39 1.20 -4.68 7.82
CA GLU E 39 0.09 -3.75 7.94
C GLU E 39 -1.09 -4.34 8.71
N TRP E 40 -1.38 -5.62 8.50
CA TRP E 40 -2.48 -6.24 9.22
C TRP E 40 -2.20 -6.36 10.73
N MET E 41 -0.96 -6.66 11.08
CA MET E 41 -0.59 -6.78 12.49
C MET E 41 -0.79 -5.45 13.21
N VAL E 42 -0.19 -4.41 12.65
CA VAL E 42 -0.26 -3.09 13.23
C VAL E 42 -1.68 -2.55 13.32
N LYS E 43 -2.54 -2.92 12.37
CA LYS E 43 -3.91 -2.45 12.40
C LYS E 43 -4.84 -3.35 13.22
N SER E 44 -4.54 -4.64 13.26
CA SER E 44 -5.42 -5.59 13.93
C SER E 44 -5.07 -6.14 15.30
N VAL E 45 -3.79 -6.13 15.68
CA VAL E 45 -3.44 -6.66 16.98
C VAL E 45 -3.04 -5.53 17.92
N PRO E 46 -3.83 -5.35 19.00
CA PRO E 46 -3.63 -4.31 20.02
C PRO E 46 -2.19 -4.10 20.44
N TYR E 47 -1.49 -5.19 20.74
CA TYR E 47 -0.09 -5.11 21.15
C TYR E 47 0.82 -4.45 20.11
N PHE E 48 0.58 -4.72 18.83
CA PHE E 48 1.44 -4.17 17.78
C PHE E 48 1.03 -2.79 17.24
N LYS E 49 -0.11 -2.27 17.68
CA LYS E 49 -0.60 -0.97 17.20
C LYS E 49 0.44 0.14 17.24
N ASP E 50 1.21 0.20 18.33
CA ASP E 50 2.21 1.25 18.48
C ASP E 50 3.65 0.78 18.25
N LYS E 51 3.80 -0.35 17.57
CA LYS E 51 5.13 -0.89 17.30
C LYS E 51 5.34 -1.12 15.80
N GLY E 52 4.81 -0.21 14.99
CA GLY E 52 4.94 -0.33 13.56
C GLY E 52 6.14 0.41 13.01
N ASP E 53 6.67 1.35 13.81
CA ASP E 53 7.83 2.14 13.40
C ASP E 53 9.10 1.30 13.33
N SER E 54 10.08 1.80 12.59
CA SER E 54 11.35 1.13 12.40
C SER E 54 12.07 0.82 13.73
N ASN E 55 11.99 1.76 14.66
CA ASN E 55 12.63 1.62 15.97
C ASN E 55 12.15 0.47 16.84
N SER E 56 10.97 -0.07 16.56
CA SER E 56 10.48 -1.16 17.41
C SER E 56 9.91 -2.37 16.67
N SER E 57 9.84 -2.29 15.35
CA SER E 57 9.28 -3.36 14.54
C SER E 57 10.28 -4.42 14.07
N ALA E 58 11.57 -4.15 14.22
CA ALA E 58 12.58 -5.08 13.73
C ALA E 58 12.39 -6.51 14.23
N GLY E 59 12.28 -6.68 15.53
CA GLY E 59 12.12 -8.02 16.10
C GLY E 59 10.93 -8.83 15.64
N TRP E 60 9.72 -8.26 15.70
CA TRP E 60 8.55 -9.03 15.29
C TRP E 60 8.44 -9.26 13.80
N LYS E 61 8.85 -8.29 12.99
CA LYS E 61 8.82 -8.45 11.55
C LYS E 61 9.76 -9.61 11.19
N ASN E 62 10.93 -9.64 11.82
CA ASN E 62 11.88 -10.74 11.57
C ASN E 62 11.20 -12.10 11.85
N SER E 63 10.44 -12.19 12.95
CA SER E 63 9.75 -13.44 13.25
C SER E 63 8.65 -13.77 12.25
N ILE E 64 8.02 -12.75 11.67
CA ILE E 64 6.98 -12.97 10.66
C ILE E 64 7.67 -13.61 9.43
N ARG E 65 8.76 -12.99 8.96
CA ARG E 65 9.50 -13.54 7.81
C ARG E 65 9.97 -14.96 8.12
N HIS E 66 10.44 -15.16 9.35
CA HIS E 66 10.92 -16.46 9.83
C HIS E 66 9.83 -17.54 9.74
N ASN E 67 8.67 -17.22 10.28
CA ASN E 67 7.56 -18.15 10.28
C ASN E 67 7.10 -18.43 8.84
N LEU E 68 6.96 -17.38 8.05
CA LEU E 68 6.54 -17.56 6.67
C LEU E 68 7.43 -18.57 5.93
N SER E 69 8.76 -18.41 6.04
CA SER E 69 9.66 -19.34 5.35
C SER E 69 9.76 -20.72 5.97
N LEU E 70 9.83 -20.78 7.29
CA LEU E 70 9.98 -22.05 7.98
C LEU E 70 8.83 -23.05 7.93
N HIS E 71 7.60 -22.59 8.10
CA HIS E 71 6.48 -23.53 8.15
C HIS E 71 5.83 -23.83 6.81
N SER E 72 5.62 -25.13 6.56
CA SER E 72 5.02 -25.61 5.32
C SER E 72 3.55 -25.20 5.24
N LYS E 73 3.00 -24.70 6.35
CA LYS E 73 1.62 -24.23 6.38
C LYS E 73 1.46 -23.03 5.43
N PHE E 74 2.56 -22.34 5.16
CA PHE E 74 2.52 -21.18 4.29
C PHE E 74 3.25 -21.47 2.98
N ILE E 75 2.72 -20.97 1.87
CA ILE E 75 3.42 -21.17 0.60
C ILE E 75 3.58 -19.83 -0.09
N ARG E 76 4.67 -19.71 -0.83
CA ARG E 76 5.01 -18.51 -1.55
C ARG E 76 4.62 -18.64 -3.03
N VAL E 77 4.02 -17.59 -3.59
CA VAL E 77 3.63 -17.59 -4.99
C VAL E 77 4.21 -16.38 -5.71
N GLN E 78 4.89 -16.63 -6.82
CA GLN E 78 5.51 -15.62 -7.66
C GLN E 78 4.51 -14.55 -8.00
N ASN E 79 4.90 -13.28 -7.80
CA ASN E 79 4.01 -12.14 -8.03
C ASN E 79 4.05 -11.61 -9.44
N GLU E 80 3.00 -10.86 -9.74
CA GLU E 80 2.77 -10.25 -11.03
C GLU E 80 3.45 -8.90 -11.15
N GLY E 81 4.29 -8.79 -12.16
CA GLY E 81 4.93 -7.52 -12.32
C GLY E 81 6.26 -7.33 -11.63
N THR E 82 6.97 -6.40 -12.22
CA THR E 82 8.29 -6.01 -11.85
C THR E 82 8.42 -5.48 -10.43
N GLY E 83 9.41 -6.00 -9.73
CA GLY E 83 9.69 -5.56 -8.38
C GLY E 83 8.72 -5.90 -7.27
N LYS E 84 7.57 -6.50 -7.57
CA LYS E 84 6.64 -6.84 -6.50
C LYS E 84 7.03 -8.13 -5.82
N SER E 85 6.87 -8.18 -4.50
CA SER E 85 7.23 -9.35 -3.75
C SER E 85 6.18 -10.44 -3.81
N SER E 86 6.50 -11.60 -3.25
CA SER E 86 5.60 -12.73 -3.33
C SER E 86 4.24 -12.60 -2.68
N TRP E 87 3.34 -13.47 -3.10
CA TRP E 87 2.01 -13.54 -2.52
C TRP E 87 2.22 -14.66 -1.52
N TRP E 88 1.77 -14.48 -0.28
CA TRP E 88 1.89 -15.55 0.70
C TRP E 88 0.48 -16.07 0.96
N MET E 89 0.32 -17.38 0.98
CA MET E 89 -0.99 -17.93 1.22
C MET E 89 -0.95 -19.19 2.04
N LEU E 90 -2.12 -19.66 2.47
CA LEU E 90 -2.21 -20.89 3.25
C LEU E 90 -2.12 -22.10 2.34
N ASN E 91 -1.25 -23.02 2.73
CA ASN E 91 -1.02 -24.27 2.00
C ASN E 91 -2.19 -25.21 2.18
N PRO E 92 -2.87 -25.57 1.08
CA PRO E 92 -4.00 -26.48 1.15
C PRO E 92 -3.56 -27.93 1.43
N SER F 6 10.43 32.02 -10.89
CA SER F 6 10.90 30.93 -11.82
C SER F 6 10.04 29.66 -11.72
N ARG F 7 9.15 29.61 -10.72
CA ARG F 7 8.25 28.47 -10.52
C ARG F 7 6.77 28.85 -10.60
N ARG F 8 6.06 28.30 -11.57
CA ARG F 8 4.64 28.57 -11.74
C ARG F 8 3.92 28.28 -10.42
N ASN F 9 4.18 27.14 -9.81
CA ASN F 9 3.55 26.78 -8.54
C ASN F 9 4.65 26.55 -7.53
N ALA F 10 4.27 26.28 -6.28
CA ALA F 10 5.26 26.03 -5.23
C ALA F 10 6.13 24.79 -5.48
N TRP F 11 5.54 23.76 -6.09
CA TRP F 11 6.28 22.54 -6.34
C TRP F 11 7.02 22.53 -7.68
N GLY F 12 6.81 23.54 -8.52
CA GLY F 12 7.48 23.55 -9.81
C GLY F 12 6.58 24.04 -10.93
N ASN F 13 6.93 23.75 -12.18
CA ASN F 13 6.11 24.20 -13.31
C ASN F 13 5.07 23.20 -13.81
N LEU F 14 5.07 22.00 -13.26
CA LEU F 14 4.08 21.01 -13.68
C LEU F 14 2.75 21.24 -12.98
N SER F 15 1.67 21.09 -13.72
CA SER F 15 0.29 21.23 -13.19
C SER F 15 -0.04 19.97 -12.41
N TYR F 16 -1.10 19.99 -11.60
CA TYR F 16 -1.47 18.77 -10.89
C TYR F 16 -1.74 17.62 -11.87
N ALA F 17 -2.31 17.95 -13.01
CA ALA F 17 -2.61 16.94 -14.02
C ALA F 17 -1.31 16.32 -14.53
N ASP F 18 -0.29 17.15 -14.73
CA ASP F 18 1.01 16.66 -15.21
C ASP F 18 1.62 15.74 -14.16
N LEU F 19 1.47 16.09 -12.90
CA LEU F 19 2.02 15.26 -11.83
C LEU F 19 1.35 13.88 -11.78
N ILE F 20 0.03 13.86 -11.93
CA ILE F 20 -0.72 12.61 -11.91
C ILE F 20 -0.23 11.82 -13.11
N THR F 21 -0.04 12.51 -14.23
CA THR F 21 0.42 11.85 -15.45
C THR F 21 1.76 11.16 -15.19
N LYS F 22 2.74 11.88 -14.63
CA LYS F 22 4.03 11.26 -14.33
C LYS F 22 3.87 10.08 -13.37
N ALA F 23 3.01 10.23 -12.38
CA ALA F 23 2.82 9.17 -11.40
C ALA F 23 2.36 7.89 -12.10
N ILE F 24 1.31 8.01 -12.89
CA ILE F 24 0.78 6.88 -13.62
C ILE F 24 1.85 6.32 -14.55
N GLU F 25 2.55 7.19 -15.26
CA GLU F 25 3.57 6.72 -16.19
C GLU F 25 4.73 5.99 -15.51
N SER F 26 4.96 6.28 -14.24
CA SER F 26 6.05 5.65 -13.51
C SER F 26 5.75 4.21 -13.11
N SER F 27 4.46 3.83 -13.10
CA SER F 27 4.10 2.46 -12.74
C SER F 27 4.39 1.57 -13.95
N ALA F 28 4.85 0.35 -13.71
CA ALA F 28 5.13 -0.54 -14.82
C ALA F 28 3.84 -0.91 -15.57
N GLU F 29 2.72 -0.98 -14.86
CA GLU F 29 1.46 -1.34 -15.52
C GLU F 29 0.66 -0.14 -16.03
N LYS F 30 1.22 1.05 -15.85
CA LYS F 30 0.57 2.27 -16.33
C LYS F 30 -0.84 2.48 -15.74
N ARG F 31 -0.98 2.26 -14.44
CA ARG F 31 -2.25 2.45 -13.76
C ARG F 31 -1.95 2.46 -12.27
N LEU F 32 -2.69 3.29 -11.53
CA LEU F 32 -2.50 3.38 -10.08
C LEU F 32 -3.84 3.69 -9.40
N THR F 33 -4.01 3.19 -8.18
CA THR F 33 -5.22 3.52 -7.46
C THR F 33 -5.03 4.99 -6.98
N LEU F 34 -6.11 5.62 -6.52
CA LEU F 34 -6.02 7.00 -6.01
C LEU F 34 -4.96 7.08 -4.90
N SER F 35 -4.99 6.09 -4.00
CA SER F 35 -4.09 5.99 -2.86
C SER F 35 -2.61 5.89 -3.27
N GLN F 36 -2.35 5.22 -4.38
CA GLN F 36 -0.98 5.09 -4.84
C GLN F 36 -0.52 6.40 -5.47
N ILE F 37 -1.45 7.14 -6.07
CA ILE F 37 -1.09 8.43 -6.65
C ILE F 37 -0.69 9.38 -5.53
N TYR F 38 -1.39 9.30 -4.40
CA TYR F 38 -1.05 10.14 -3.24
C TYR F 38 0.37 9.80 -2.78
N GLU F 39 0.63 8.51 -2.64
CA GLU F 39 1.93 7.99 -2.20
C GLU F 39 3.06 8.45 -3.13
N TRP F 40 2.83 8.38 -4.44
CA TRP F 40 3.80 8.84 -5.40
C TRP F 40 4.08 10.32 -5.22
N MET F 41 3.05 11.11 -4.91
CA MET F 41 3.25 12.54 -4.73
C MET F 41 4.17 12.80 -3.54
N VAL F 42 3.85 12.17 -2.43
CA VAL F 42 4.60 12.31 -1.20
C VAL F 42 6.04 11.85 -1.32
N LYS F 43 6.27 10.74 -2.04
CA LYS F 43 7.62 10.24 -2.19
C LYS F 43 8.38 10.86 -3.35
N SER F 44 7.67 11.40 -4.35
CA SER F 44 8.36 11.92 -5.53
C SER F 44 8.49 13.41 -5.75
N VAL F 45 7.62 14.20 -5.11
CA VAL F 45 7.67 15.65 -5.28
C VAL F 45 8.13 16.25 -3.94
N PRO F 46 9.37 16.80 -3.91
CA PRO F 46 9.92 17.40 -2.68
C PRO F 46 8.93 18.25 -1.91
N TYR F 47 8.26 19.19 -2.58
CA TYR F 47 7.28 20.04 -1.92
C TYR F 47 6.21 19.31 -1.12
N PHE F 48 5.78 18.12 -1.55
CA PHE F 48 4.74 17.40 -0.81
C PHE F 48 5.24 16.36 0.18
N LYS F 49 6.54 16.09 0.16
CA LYS F 49 7.15 15.10 1.04
C LYS F 49 6.78 15.32 2.50
N ASP F 50 6.58 16.58 2.87
CA ASP F 50 6.25 16.95 4.24
C ASP F 50 4.77 17.30 4.41
N LYS F 51 3.96 16.94 3.42
CA LYS F 51 2.53 17.26 3.49
C LYS F 51 1.63 16.05 3.29
N GLY F 52 2.07 14.90 3.80
CA GLY F 52 1.29 13.68 3.67
C GLY F 52 0.38 13.40 4.84
N ASP F 53 0.65 14.05 5.96
CA ASP F 53 -0.14 13.90 7.17
C ASP F 53 -1.60 14.31 6.99
N SER F 54 -2.49 13.62 7.72
CA SER F 54 -3.92 13.90 7.65
C SER F 54 -4.16 15.40 7.54
N ASN F 55 -3.61 16.14 8.50
CA ASN F 55 -3.81 17.57 8.52
C ASN F 55 -3.64 18.32 7.20
N SER F 56 -2.38 18.54 6.83
CA SER F 56 -2.02 19.30 5.64
C SER F 56 -2.16 18.68 4.24
N SER F 57 -2.87 17.56 4.11
CA SER F 57 -3.02 16.95 2.79
C SER F 57 -4.42 17.12 2.20
N ALA F 58 -5.36 17.58 3.01
CA ALA F 58 -6.74 17.75 2.58
C ALA F 58 -6.82 18.49 1.24
N GLY F 59 -6.23 19.68 1.20
CA GLY F 59 -6.26 20.49 0.01
C GLY F 59 -5.71 19.88 -1.28
N TRP F 60 -4.45 19.46 -1.25
CA TRP F 60 -3.90 18.90 -2.47
C TRP F 60 -4.54 17.59 -2.87
N LYS F 61 -5.00 16.80 -1.89
CA LYS F 61 -5.64 15.54 -2.24
C LYS F 61 -6.96 15.79 -2.95
N ASN F 62 -7.68 16.81 -2.49
CA ASN F 62 -8.96 17.14 -3.09
C ASN F 62 -8.70 17.55 -4.56
N SER F 63 -7.62 18.29 -4.75
CA SER F 63 -7.22 18.69 -6.08
C SER F 63 -6.87 17.48 -6.94
N ILE F 64 -6.27 16.45 -6.34
CA ILE F 64 -5.94 15.26 -7.13
C ILE F 64 -7.24 14.60 -7.64
N ARG F 65 -8.18 14.35 -6.73
CA ARG F 65 -9.46 13.73 -7.11
C ARG F 65 -10.17 14.56 -8.14
N HIS F 66 -10.14 15.88 -7.95
CA HIS F 66 -10.80 16.84 -8.84
C HIS F 66 -10.29 16.70 -10.28
N ASN F 67 -8.97 16.64 -10.41
CA ASN F 67 -8.33 16.53 -11.72
C ASN F 67 -8.64 15.19 -12.37
N LEU F 68 -8.55 14.11 -11.58
CA LEU F 68 -8.82 12.78 -12.12
C LEU F 68 -10.21 12.74 -12.75
N SER F 69 -11.22 13.19 -12.01
CA SER F 69 -12.59 13.20 -12.51
C SER F 69 -12.83 14.19 -13.62
N LEU F 70 -12.28 15.39 -13.48
CA LEU F 70 -12.49 16.44 -14.46
C LEU F 70 -11.93 16.23 -15.86
N HIS F 71 -10.66 15.82 -15.95
CA HIS F 71 -10.02 15.71 -17.26
C HIS F 71 -10.16 14.40 -17.98
N SER F 72 -10.62 14.49 -19.22
CA SER F 72 -10.84 13.31 -20.03
C SER F 72 -9.56 12.54 -20.34
N LYS F 73 -8.39 13.12 -20.07
CA LYS F 73 -7.15 12.41 -20.34
C LYS F 73 -6.92 11.29 -19.31
N PHE F 74 -7.71 11.26 -18.24
CA PHE F 74 -7.61 10.21 -17.22
C PHE F 74 -8.87 9.38 -17.28
N ILE F 75 -8.74 8.07 -17.23
CA ILE F 75 -9.93 7.25 -17.24
C ILE F 75 -9.94 6.33 -16.04
N ARG F 76 -11.14 6.03 -15.57
CA ARG F 76 -11.33 5.19 -14.42
C ARG F 76 -11.62 3.74 -14.83
N VAL F 77 -10.91 2.80 -14.23
CA VAL F 77 -11.13 1.39 -14.54
C VAL F 77 -11.54 0.64 -13.28
N GLN F 78 -12.74 0.09 -13.31
CA GLN F 78 -13.32 -0.71 -12.23
C GLN F 78 -12.29 -1.69 -11.69
N ASN F 79 -12.06 -1.71 -10.38
CA ASN F 79 -11.06 -2.60 -9.80
C ASN F 79 -11.53 -4.02 -9.58
N GLU F 80 -10.52 -4.87 -9.50
CA GLU F 80 -10.66 -6.28 -9.37
C GLU F 80 -11.05 -6.82 -7.98
N GLY F 81 -10.33 -6.41 -6.94
CA GLY F 81 -10.66 -6.90 -5.62
C GLY F 81 -11.89 -6.28 -4.96
N THR F 82 -12.51 -7.08 -4.11
CA THR F 82 -13.68 -6.69 -3.34
C THR F 82 -13.29 -5.52 -2.44
N GLY F 83 -14.03 -4.43 -2.50
CA GLY F 83 -13.71 -3.29 -1.67
C GLY F 83 -12.56 -2.41 -2.15
N LYS F 84 -12.00 -2.71 -3.32
CA LYS F 84 -10.88 -1.94 -3.84
C LYS F 84 -11.32 -0.83 -4.79
N SER F 85 -10.64 0.30 -4.73
CA SER F 85 -10.97 1.44 -5.56
C SER F 85 -10.45 1.30 -6.99
N SER F 86 -10.89 2.20 -7.86
CA SER F 86 -10.50 2.13 -9.25
C SER F 86 -9.04 2.28 -9.59
N TRP F 87 -8.70 1.76 -10.76
CA TRP F 87 -7.38 1.90 -11.30
C TRP F 87 -7.54 3.16 -12.15
N TRP F 88 -6.58 4.07 -12.09
CA TRP F 88 -6.62 5.27 -12.90
C TRP F 88 -5.52 5.20 -13.95
N MET F 89 -5.87 5.43 -15.20
CA MET F 89 -4.85 5.37 -16.24
C MET F 89 -5.00 6.49 -17.24
N LEU F 90 -4.03 6.61 -18.13
CA LEU F 90 -4.04 7.67 -19.12
C LEU F 90 -4.88 7.27 -20.31
N ASN F 91 -5.62 8.23 -20.84
CA ASN F 91 -6.48 7.96 -21.97
C ASN F 91 -5.66 7.66 -23.20
N PRO F 92 -5.81 6.41 -23.71
CA PRO F 92 -5.10 5.93 -24.90
C PRO F 92 -5.27 6.87 -26.07
CA CA G . 7.02 -21.83 3.81
CA CA H . -11.95 11.52 -16.17
#